data_2OGN
#
_entry.id   2OGN
#
_cell.length_a   170.475
_cell.length_b   412.738
_cell.length_c   696.670
_cell.angle_alpha   90.00
_cell.angle_beta   90.00
_cell.angle_gamma   90.00
#
_symmetry.space_group_name_H-M   'I 2 2 2'
#
loop_
_entity.id
_entity.type
_entity.pdbx_description
1 polymer '23S ribosomal RNA'
2 polymer '50S ribosomal protein L3'
3 non-polymer '(3AS,4R,5S,6S,8R,9R,9AR,10R)-5-HYDROXY-4,6,9,10-TETRAMETHYL-1-OXO-6-VINYLDECAHYDRO-3A,9-PROPANOCYCLOPENTA[8]ANNULEN-8-YL (PIPERIDIN-4-YLTHIO)ACETATE'
#
loop_
_entity_poly.entity_id
_entity_poly.type
_entity_poly.pdbx_seq_one_letter_code
_entity_poly.pdbx_strand_id
1 'polyribonucleotide'
;GGUCAAGAUAGUAAGGGUCCACGGUGGAUGCCCUGGCGCUGGAGCCGAUGAAGGACGCGAUUACCUGCGAAAAGCCCCGA
CGAGCUGGAGAUACGCUUUGACUCGGGGAUGUCCGAAUGGGGAAACCCACCUCGUAAGAGGUAUCCGCAAGGAUGGGAAC
UCAGGGAACUGAAACAUCUCAGUACCUGAAGGAGAAGAAAGAGAAUUCGAUUCCGUUAGUAGCGGCGAGCGAACCCGGAU
CAGCCCAAACCGAAACGCUUGCGUUUCGGGGUUGUAGGACCAGUUUUUAAGAUUCAACCCCUCAAGCCGAAGUGGCUGGA
AAGCUACACCUCAGAAGGUGAGAGUCCUGUAGGCGAACGAGCGGUUGACUGUACUGGCACCUGAGUAGGUCGUUGUUCGU
GAAACGAUGACUGAAUCCGCGCGGACCACCGCGCAAGGCUAAAUACUCCCAGUGACCGAUAGCGCAUAGUACCGUGAGGG
AAAGGUGAAAAGAACCCCGGGAGGGGAGUGAAAGAGAACCUGAAACCGUGGACUUACAAGCAGUCAUGGCACCUUAUGCG
UGUUAUGGCGUGCCUAUUGAAGCAUGAGCCGGCGACUUAGACCUGACGUGCGAGCUUAAGUUGAAAAACGGAGGCGGAGC
GAAAGCGAGUCCGAAUAGGGCGGCAUUAGUACGUCGGGCUAGACUCGAAACCAGGUGAGCUAAGCAUGACCAGGUUGAAA
CCCCCGUGACAGGGGGCGGAGGACCGAACCGGUGCCUGCUGAAACAGUCUCGGAUGAGUUGUGUUUAGGAGUGAAAAGCU
AACCGAACCUGGAGAUAGCUAGUUCUCCCCGAAAUGUAUUGAGGUACAGCCUCGGAUGUUGACCAUGUCCUGUAGAGCAC
UCACAAGGCUAGGGGGCCUACCAGCUUACCAAACCUUAUGAAACUCCGAAGGGGCACGCGUUUAGUCCGGGAGUGAGGCU
GCGAGAGCUAACUUCCGUAGCCGAGAGGGAAACAACCCAGACCAUCAGCUAAGGUCCCUAAAUGAUCGCUCAGUGGUUAA
GGAUGUGUCGUCGCAUAGACAGCCAGGAGGUUGGCUUAGAAGCAGCCACCCUUCAAAGAGUGCGUAAUAGCUCACUGGUC
GAGUGACGAUGCGCCGAAAAUGAUCGGGGCUCAAGUGAUCUACCGAAGCUAUGGAUUCAACUCGCGAAGCGAGUUGUCUG
GUAGGGGAGCGUUCAGUCCGCGGAGAAGCCAUACCGGAAGGAGUGGUGGAGCCGACUGAAGUGCGGAUGCCGGCAUGAGU
AACGAUAAAAGAAGUGAGAAUCUUCUUCGCCGUAAGGACAAGGGUUCCUGGGGAAGGGUCGUCCGCCCAGGGAAAGUCGG
GACCUAAGGUGAGGCCGAACGGCGCAGCCGAUGGACAGCAGGUCAAGAUUCCUGCACCGAUCAUGUGGAGUGAUGGAGGG
ACGCAUUACGCUAUCCAAUGCCAAGCUAUGGCUAUGCUGGUUGGUACGCUCAAGGGCGAUCGGGUCAGAAAAUCUACCGG
UCACAUGCCUCAGACGUAUCGGGAGCUUCCUCGGAAGCGAAGUUGGAAACGCGACGGUGCCAAGAAAAGCUUCUAAACGU
UGAAACAUGAUUGCCCGUACCGCAAACCGACACAGGUGUCCGAGUGUCAAUGCACUAAGGCGCGCGAGAGAACCCUCGUU
AAGGAACUUUGCAAUCUCACCCCGUAACUUCGGAAGAAGGGGUCCCCACGCUUCGCGUGGGGCGCAGUGAAUAGGCCCAG
GCGACUGUUUACCAAAAUCACAGCACUCUGCCAACACGAACAGUGGACGUAUAGGGUGUGACGCCUGCCCGGUGCCGGAA
GGUCAAGUGGAGCGGUGCAAGCUGCGAAAUGAAGCCCCGGUGAACGGCGGCCGUAACUAUAACGGUCCUAAGGUAGCGAA
AUUCCUUGUCGGGUAAGUUCCGACCUGCACGAAAGGCGUAACGAUCUGGGCGCUGUCUCAACGAGGGACUCGGUGAAAUU
GAAUUGGCUGUAAAGAUGCGGCCUACCCGUAGCAGGACGAAAAGACCCCGUGGAGCUUUACUAUAGUCUGGCAUUGGGAU
UCGGGUUUCUCUGCGUAGGAUAGGUGGGAGCCUGCGAAACUGGCCUUUUGGGGUCGGUGGAGGCAACGGUGAAAUACCAC
CCUGAGAAACUUGGAUUUCUAACCUGAAAAAUCACUUUCGGGGACCGUGCUUGGCGGGUAGUUUGACUGGGGCGGUCGCC
UCCCAAAAUGUAACGGAGGCGCCCAAAGGUCACCUCAAGACGGUUGGAAAUCGUCUGUAGAGCGCAAAGGUAGAAGGUGG
CUUGACUGCGAGACUGACACGUCGAGCAGGGAGGAAACUCGGGCUUAGUGAACCGGUGGUACCGUGUGGAAGGGCCAUCG
AUCAACGGAUAAAAGUUACCCCGGGGAUAACAGGCUGAUCUCCCCCGAGAGUCCAUAUCGGCGGGGAGGUUUGGCACCUC
GAUGUCGGCUCGUCGCAUCCUGGGGCUGAAGAAGGUCCCAAGGGUUGGGCUGUUCGCCCAUUAAAGCGGCACGCGAGCUG
GGUUCAGAACGUCGUGAGACAGUUCGGUCUCUAUCCGCUACGGGCGCAGGAGAAUUGAGGGGAGUUGCUCCUAGUACGAG
AGGACCGGAGUGAACGGACCGCUGGUCUCCCUGCUGUCGUACCAACGGCACAUGCAGGGUAGCUAUGUCCGGAACGGAUA
ACCGCUGAAAGCAUCUAAGCGGGAAGCCAGCCCCAAGAUGAGUUCUCCCACUGUUUAUCAGGUAAGACUCCCGGAAGACC
ACCGGGUUAAGAGGCCAGGCGUGCACGCAUAGCAAUGUGUUCAGCGGACUGGUGCUCAUCAGUCGAGGUCUUGACCACUC
;
0
2 'polypeptide(L)'
;MKGILGTKIGMTQIWKNDRAIPVTVVLAGPCPIVQRKTAQTDGYEAVQIGYAPKAERKVNKPMQGHFAKAGVAPTRILRE
FRGFAPDGDSVNVDIFAEGEKIDATGTSKGKGTQGVMKRWNFAGGPASHGSKKWHRRPGSIGQRKTPGRVYKGKRMAGHM
GMERVTVQNLEVVEIRAGENLILVKGAIPGANGGLVVLRSAAKASAAKGGK
;
B
#
# COMPACT_ATOMS: atom_id res chain seq x y z
CA MET B 1 8.98 -11.62 2.35
CA LYS B 2 5.28 -12.56 2.09
CA GLY B 3 2.18 -11.99 -0.07
CA ILE B 4 0.21 -9.24 -1.83
CA LEU B 5 -3.48 -9.07 -0.93
CA GLY B 6 -6.87 -7.51 -1.67
CA THR B 7 -8.99 -5.34 0.66
CA LYS B 8 -12.44 -5.63 2.16
CA ILE B 9 -12.76 -3.25 5.12
CA GLY B 10 -13.03 -3.49 8.92
CA MET B 11 -15.70 -3.66 11.65
CA THR B 12 -15.31 -4.40 15.38
CA GLN B 13 -14.36 -7.97 16.06
CA ILE B 14 -13.45 -8.74 19.69
CA TRP B 15 -10.56 -10.99 20.71
CA LYS B 16 -9.49 -11.49 24.34
CA ASN B 17 -12.47 -9.47 25.53
CA ASP B 18 -11.33 -5.99 24.51
CA ARG B 19 -12.99 -4.23 21.54
CA ALA B 20 -10.23 -4.21 18.87
CA ILE B 21 -11.00 -2.94 15.29
CA PRO B 22 -9.28 -4.46 12.24
CA VAL B 23 -8.90 -4.12 8.52
CA THR B 24 -9.67 -7.27 6.56
CA VAL B 25 -7.51 -8.20 3.59
CA VAL B 26 -7.70 -11.17 1.21
CA LEU B 27 -4.61 -12.44 -0.72
CA ALA B 28 -5.54 -15.41 -2.96
CA GLY B 29 -2.79 -17.78 -4.01
CA PRO B 30 0.28 -15.65 -4.98
CA CYS B 31 2.58 -17.28 -7.53
CA PRO B 32 6.34 -17.17 -8.00
CA ILE B 33 6.17 -16.50 -11.71
CA VAL B 34 9.81 -15.45 -11.93
CA GLN B 35 12.80 -16.18 -9.71
CA ARG B 36 15.66 -13.70 -9.65
CA LYS B 37 19.12 -15.21 -9.23
CA THR B 38 21.68 -12.79 -7.82
CA ALA B 39 23.73 -13.78 -10.88
CA GLN B 40 21.41 -14.60 -13.77
CA THR B 41 19.79 -11.17 -13.29
CA ASP B 42 22.25 -9.47 -10.89
CA GLY B 43 20.39 -8.58 -7.67
CA TYR B 44 18.11 -11.18 -6.02
CA GLU B 45 14.35 -10.51 -5.91
CA ALA B 46 11.21 -12.73 -5.76
CA VAL B 47 7.89 -12.47 -7.62
CA GLN B 48 4.10 -12.97 -7.17
CA ILE B 49 0.61 -12.74 -8.66
CA GLY B 50 -2.38 -10.45 -8.83
CA TYR B 51 -6.14 -10.66 -9.21
CA ALA B 52 -7.41 -12.72 -12.13
CA PRO B 53 -8.13 -12.01 -15.86
CA LYS B 54 -9.31 -14.42 -18.51
CA ALA B 55 -6.55 -15.12 -21.03
CA GLU B 56 -9.04 -13.58 -23.48
CA ARG B 57 -7.99 -10.15 -22.27
CA LYS B 58 -4.37 -10.93 -21.49
CA VAL B 59 -1.83 -9.58 -23.97
CA ASN B 60 0.76 -11.73 -25.75
CA LYS B 61 4.18 -11.41 -24.17
CA PRO B 62 3.09 -12.48 -20.67
CA MET B 63 1.15 -15.30 -22.37
CA GLN B 64 4.31 -17.28 -23.10
CA GLY B 65 6.29 -15.10 -20.71
CA HIS B 66 4.05 -16.83 -18.17
CA PHE B 67 4.12 -20.51 -19.15
CA ALA B 68 7.81 -20.36 -18.23
CA LYS B 69 7.97 -22.64 -15.18
CA ALA B 70 4.71 -21.08 -14.08
CA GLY B 71 1.09 -20.83 -15.12
CA VAL B 72 -2.23 -18.99 -15.19
CA ALA B 73 -2.88 -15.36 -16.03
CA PRO B 74 -2.96 -12.59 -13.30
CA THR B 75 -3.09 -8.79 -13.41
CA ARG B 76 -1.70 -6.94 -10.36
CA ILE B 77 2.07 -7.20 -9.51
CA LEU B 78 5.22 -6.35 -7.48
CA ARG B 79 8.49 -8.07 -6.51
CA GLU B 80 9.96 -7.87 -2.97
CA PHE B 81 13.58 -9.06 -2.67
CA ARG B 82 15.52 -10.92 0.02
CA GLY B 83 12.49 -13.14 -0.30
CA PHE B 84 12.74 -16.90 -0.73
CA ALA B 85 9.63 -18.38 -2.30
CA PRO B 86 9.56 -22.16 -1.62
CA ASP B 87 6.94 -23.62 -3.96
CA GLY B 88 4.72 -22.98 -6.96
CA ASP B 89 2.33 -21.13 -4.68
CA SER B 90 2.62 -18.76 -1.71
CA VAL B 91 -0.13 -18.53 0.94
CA ASN B 92 -0.61 -17.76 4.64
CA VAL B 93 -1.39 -21.32 5.80
CA ASP B 94 2.40 -21.55 6.14
CA ILE B 95 3.40 -17.88 5.80
CA PHE B 96 2.84 -15.08 8.31
CA ALA B 97 1.94 -15.90 11.92
CA GLU B 98 -0.76 -14.48 14.15
CA GLY B 99 1.37 -13.16 16.97
CA GLU B 100 3.29 -10.70 14.82
CA LYS B 101 3.49 -7.17 13.44
CA ILE B 102 3.91 -5.93 9.86
CA ASP B 103 3.90 -3.20 7.21
CA ALA B 104 0.74 -2.63 5.23
CA THR B 105 1.31 -0.44 2.18
CA GLY B 106 -1.11 0.43 -0.58
CA THR B 107 -2.15 3.75 -2.14
CA SER B 108 -4.50 6.53 -1.12
CA LYS B 109 -7.47 8.92 -1.28
CA GLY B 110 -7.63 10.37 -4.74
CA LYS B 111 -8.61 13.77 -3.28
CA GLY B 112 -6.78 15.57 -6.07
CA THR B 113 -5.59 19.18 -6.15
CA GLN B 114 -7.41 20.31 -3.04
CA GLY B 115 -6.04 23.30 -1.18
CA VAL B 116 -2.99 24.18 0.88
CA MET B 117 -5.31 24.00 3.84
CA LYS B 118 -5.05 20.23 3.61
CA ARG B 119 -1.86 19.45 1.72
CA TRP B 120 0.04 21.66 4.22
CA ASN B 121 -1.13 21.52 7.81
CA PHE B 122 -2.09 24.96 9.25
CA ALA B 123 -2.70 28.45 7.92
CA GLY B 124 -6.06 30.10 7.33
CA GLY B 125 -6.50 33.71 8.37
CA PRO B 126 -9.11 36.00 10.04
CA ALA B 127 -12.48 34.68 9.07
CA SER B 128 -13.82 38.17 9.57
CA HIS B 129 -12.04 41.47 10.16
CA GLY B 130 -11.07 41.74 6.47
CA SER B 131 -12.35 39.08 4.08
CA LYS B 132 -10.26 39.89 1.01
CA LYS B 133 -8.99 36.31 1.46
CA TRP B 134 -10.96 34.66 4.32
CA HIS B 135 -9.00 31.70 5.73
CA ARG B 136 -8.05 29.37 2.86
CA ARG B 137 -4.65 30.67 1.53
CA PRO B 138 -0.98 30.99 2.56
CA GLY B 139 0.14 34.56 3.14
CA SER B 140 3.69 35.60 2.44
CA ILE B 141 5.97 33.49 0.34
CA GLY B 142 9.46 34.96 -0.02
CA GLN B 143 10.53 38.22 1.71
CA ARG B 144 11.93 40.76 -0.81
CA LYS B 145 15.23 42.29 -1.98
CA THR B 146 16.94 38.85 -1.76
CA PRO B 147 16.02 35.21 -2.91
CA GLY B 148 13.31 35.78 -5.49
CA ARG B 149 13.61 31.99 -5.53
CA VAL B 150 10.74 30.83 -3.27
CA TYR B 151 12.57 27.94 -1.61
CA LYS B 152 12.45 24.29 -2.62
CA GLY B 153 8.91 22.92 -2.34
CA LYS B 154 7.34 25.76 -0.36
CA ARG B 155 4.14 23.88 0.52
CA MET B 156 1.44 24.96 -1.93
CA ALA B 157 -1.90 23.77 -3.29
CA GLY B 158 -1.28 20.42 -5.00
CA HIS B 159 -2.37 16.92 -6.07
CA MET B 160 -3.46 15.45 -2.72
CA GLY B 161 -4.50 11.84 -3.25
CA MET B 162 -2.49 9.13 -5.00
CA GLU B 163 0.47 8.35 -2.75
CA ARG B 164 2.45 5.26 -1.73
CA VAL B 165 1.91 5.38 2.07
CA THR B 166 2.83 2.43 4.21
CA VAL B 167 2.12 2.10 7.92
CA GLN B 168 4.66 -0.10 9.67
CA ASN B 169 3.73 -2.67 12.35
CA LEU B 170 -0.01 -3.08 12.99
CA GLU B 171 -0.91 -6.32 14.76
CA VAL B 172 -2.11 -9.27 12.75
CA VAL B 173 -5.06 -10.14 15.00
CA GLU B 174 -6.73 -13.21 13.54
CA ILE B 175 -6.04 -15.60 10.67
CA ARG B 176 -9.04 -17.33 9.11
CA ALA B 177 -6.71 -19.27 6.83
CA GLY B 178 -9.24 -21.66 5.34
CA GLU B 179 -10.72 -19.21 2.82
CA ASN B 180 -7.99 -16.53 2.65
CA LEU B 181 -8.98 -13.82 5.15
CA ILE B 182 -6.55 -11.68 7.19
CA LEU B 183 -7.18 -9.17 9.97
CA VAL B 184 -4.74 -6.37 10.83
CA LYS B 185 -4.89 -4.18 13.94
CA GLY B 186 -6.93 -1.78 11.84
CA ALA B 187 -5.18 0.88 9.79
CA ILE B 188 -4.09 0.06 6.18
CA PRO B 189 -4.41 2.84 3.52
CA GLY B 190 -5.65 0.47 0.80
CA ALA B 191 -9.14 1.70 -0.24
CA ASN B 192 -12.02 -0.82 -0.13
CA GLY B 193 -11.18 -3.00 -3.09
CA GLY B 194 -7.80 -1.32 -3.37
CA LEU B 195 -4.43 -3.14 -3.57
CA VAL B 196 -2.52 -3.37 -0.28
CA VAL B 197 0.62 -5.33 0.54
CA LEU B 198 1.17 -6.99 3.91
CA ARG B 199 4.88 -7.57 4.76
CA SER B 200 6.62 -8.21 8.08
CA ALA B 201 8.00 -5.56 10.41
CA ALA B 202 10.13 -3.34 8.20
CA LYS B 203 12.00 -1.78 11.13
CA ALA B 204 14.15 -4.12 13.21
CA SER B 205 11.31 -3.54 15.69
#